data_6K4D
#
_entry.id   6K4D
#
_cell.length_a   48.760
_cell.length_b   123.680
_cell.length_c   177.020
_cell.angle_alpha   90.00
_cell.angle_beta   90.00
_cell.angle_gamma   90.00
#
_symmetry.space_group_name_H-M   'C 2 2 21'
#
loop_
_entity.id
_entity.type
_entity.pdbx_description
1 polymer 'Ancestral luciferase AncLamp'
2 non-polymer '[[(2R,3S,4R,5R)-5-(6-aminopurin-9-yl)-3,4-bis(oxidanyl)oxolan-2-yl]methoxy-oxidanyl-phosphoryl] (4S)-2-(6-oxidanyl-1,3-benzothiazol-2-yl)-4,5-dihydro-1,3-thiazole-4-carboxylate'
3 non-polymer '(4S)-2-(6-hydroxy-1,3-benzothiazol-2-yl)-4,5-dihydro-1,3-thiazole-4-carboxylic acid'
4 water water
#
_entity_poly.entity_id   1
_entity_poly.type   'polypeptide(L)'
_entity_poly.pdbx_seq_one_letter_code
;MEDKNIVYGPEPFYPLEDGTAGEQLYKALKKYAQLPGTIALTDAHTEENISYAELLELTCRLAESLKNYGLKQNNTIAVC
SENNLQFFIPVIAALYIGVAVAPVNDKYTERELINSLNISKPTIIFCSKKTLQKILQVKKKLSYIKKIIILDSKEDIGGY
QCLNNFISQHSDANFNVSNFKPNSFDRDEQVALIMNSSGTTGLPKGVMLTHKNLVVRFSHCRDPIFGNQIIPGTAILTVI
PFHHGFGMFTTLGYFTCGFRIVLMHRFEEELFLKSLQDYKVQSTLLVPTLMAFFAKSPLVDKYDLSNLKEIASGGAPLSK
EVGEAVAKRFKLPGIRQGYGLTETTSAIIITPEGDVKPGSTGKVVPFFSAKVVDLDTGKTLGPNQRGELCFKGDMIMKGY
VNNPEATKEIIDKDGWLHSGDIGYYDEDGHFFIVDRLKSLIKYKGYQVAPAELESILLQHPSIIDAGVTGIPDEDAGELP
AACVVLQPGKHLTEKEVIDYVASQVSSAKRLRGGVRFVDEIPKGSTGKIDRKALRQILQKQKSKL
;
_entity_poly.pdbx_strand_id   A
#
# COMPACT_ATOMS: atom_id res chain seq x y z
N GLU A 2 -0.06 -10.09 -31.80
CA GLU A 2 1.15 -10.20 -30.99
C GLU A 2 1.30 -8.95 -30.10
N ASP A 3 2.14 -8.00 -30.52
CA ASP A 3 2.10 -6.65 -29.97
C ASP A 3 0.69 -6.04 -30.08
N LYS A 4 -0.18 -6.58 -30.95
CA LYS A 4 -1.56 -6.13 -30.98
C LYS A 4 -2.24 -6.31 -29.63
N ASN A 5 -1.85 -7.34 -28.87
CA ASN A 5 -2.49 -7.63 -27.59
C ASN A 5 -1.76 -7.03 -26.38
N ILE A 6 -0.69 -6.27 -26.60
CA ILE A 6 -0.05 -5.53 -25.51
C ILE A 6 -0.82 -4.24 -25.30
N VAL A 7 -1.03 -3.87 -24.05
CA VAL A 7 -1.82 -2.69 -23.68
C VAL A 7 -0.87 -1.65 -23.11
N TYR A 8 -0.92 -0.44 -23.66
CA TYR A 8 0.03 0.62 -23.33
C TYR A 8 -0.66 1.73 -22.55
N GLY A 9 0.00 2.21 -21.50
CA GLY A 9 -0.44 3.42 -20.84
C GLY A 9 -0.29 4.59 -21.79
N PRO A 10 -1.04 5.65 -21.55
CA PRO A 10 -0.94 6.84 -22.40
C PRO A 10 0.31 7.66 -22.07
N GLU A 11 0.53 8.71 -22.86
CA GLU A 11 1.59 9.64 -22.50
C GLU A 11 1.28 10.28 -21.16
N PRO A 12 2.28 10.63 -20.35
CA PRO A 12 1.99 11.47 -19.19
C PRO A 12 1.44 12.80 -19.69
N PHE A 13 0.57 13.40 -18.87
CA PHE A 13 -0.05 14.66 -19.31
C PHE A 13 1.00 15.72 -19.57
N TYR A 14 2.03 15.75 -18.74
CA TYR A 14 3.21 16.59 -18.93
C TYR A 14 4.44 15.72 -18.75
N PRO A 15 5.57 16.12 -19.34
CA PRO A 15 6.77 15.28 -19.25
C PRO A 15 7.30 15.14 -17.83
N LEU A 16 8.12 14.10 -17.65
CA LEU A 16 8.69 13.79 -16.35
C LEU A 16 9.63 14.89 -15.89
N GLU A 17 9.47 15.32 -14.64
CA GLU A 17 10.31 16.38 -14.10
C GLU A 17 11.70 15.84 -13.78
N ASP A 18 12.72 16.66 -14.00
CA ASP A 18 14.10 16.29 -13.69
C ASP A 18 14.30 16.18 -12.17
N GLY A 19 15.42 15.55 -11.79
CA GLY A 19 15.87 15.56 -10.41
C GLY A 19 15.60 14.24 -9.70
N THR A 20 16.26 14.10 -8.55
CA THR A 20 16.07 12.93 -7.72
C THR A 20 14.73 13.04 -6.98
N ALA A 21 14.33 11.94 -6.32
CA ALA A 21 13.13 12.02 -5.50
C ALA A 21 13.32 12.95 -4.31
N GLY A 22 14.54 12.99 -3.76
CA GLY A 22 14.82 13.93 -2.69
C GLY A 22 14.75 15.37 -3.15
N GLU A 23 15.24 15.65 -4.37
CA GLU A 23 15.13 17.01 -4.90
C GLU A 23 13.68 17.41 -5.12
N GLN A 24 12.85 16.48 -5.61
CA GLN A 24 11.44 16.83 -5.86
C GLN A 24 10.66 16.99 -4.56
N LEU A 25 10.95 16.16 -3.55
CA LEU A 25 10.32 16.35 -2.23
C LEU A 25 10.73 17.68 -1.61
N TYR A 26 12.02 18.01 -1.68
CA TYR A 26 12.50 19.27 -1.15
C TYR A 26 11.77 20.46 -1.77
N LYS A 27 11.68 20.47 -3.10
CA LYS A 27 11.01 21.58 -3.78
C LYS A 27 9.57 21.71 -3.33
N ALA A 28 8.89 20.58 -3.11
CA ALA A 28 7.48 20.64 -2.72
C ALA A 28 7.31 21.09 -1.28
N LEU A 29 8.07 20.52 -0.35
CA LEU A 29 8.03 20.99 1.04
C LEU A 29 8.34 22.48 1.13
N LYS A 30 9.35 22.93 0.37
CA LYS A 30 9.72 24.34 0.41
C LYS A 30 8.58 25.22 -0.09
N LYS A 31 7.94 24.83 -1.19
CA LYS A 31 6.81 25.62 -1.70
C LYS A 31 5.71 25.77 -0.65
N TYR A 32 5.23 24.66 -0.09
CA TYR A 32 4.11 24.77 0.83
C TYR A 32 4.50 25.42 2.15
N ALA A 33 5.77 25.34 2.54
CA ALA A 33 6.24 25.97 3.76
C ALA A 33 6.15 27.49 3.70
N GLN A 34 6.08 28.04 2.50
CA GLN A 34 6.01 29.48 2.29
C GLN A 34 4.58 30.01 2.26
N LEU A 35 3.60 29.12 2.24
CA LEU A 35 2.22 29.55 2.38
C LEU A 35 1.81 29.45 3.84
N PRO A 36 1.20 30.50 4.41
CA PRO A 36 0.91 30.47 5.85
C PRO A 36 -0.04 29.34 6.21
N GLY A 37 0.24 28.69 7.35
CA GLY A 37 -0.69 27.78 7.99
C GLY A 37 -0.81 26.40 7.37
N THR A 38 -0.01 26.08 6.36
CA THR A 38 -0.18 24.78 5.71
C THR A 38 0.30 23.67 6.63
N ILE A 39 -0.46 22.58 6.66
CA ILE A 39 -0.19 21.46 7.55
C ILE A 39 0.09 20.23 6.69
N ALA A 40 1.19 19.52 6.99
CA ALA A 40 1.53 18.32 6.23
C ALA A 40 0.96 17.05 6.85
N LEU A 41 1.03 16.91 8.17
CA LEU A 41 0.70 15.67 8.84
C LEU A 41 -0.13 15.94 10.07
N THR A 42 -1.17 15.14 10.28
CA THR A 42 -2.07 15.30 11.42
C THR A 42 -2.36 13.93 11.99
N ASP A 43 -2.07 13.75 13.27
CA ASP A 43 -2.33 12.48 13.95
C ASP A 43 -3.77 12.51 14.47
N ALA A 44 -4.62 11.64 13.92
CA ALA A 44 -6.03 11.64 14.28
C ALA A 44 -6.25 11.35 15.76
N HIS A 45 -5.41 10.50 16.35
CA HIS A 45 -5.58 10.13 17.76
C HIS A 45 -5.28 11.31 18.68
N THR A 46 -4.21 12.06 18.41
CA THR A 46 -3.74 13.10 19.32
C THR A 46 -4.13 14.50 18.88
N GLU A 47 -4.53 14.67 17.62
CA GLU A 47 -4.78 15.95 16.96
C GLU A 47 -3.52 16.79 16.79
N GLU A 48 -2.33 16.22 17.09
CA GLU A 48 -1.08 16.94 16.89
C GLU A 48 -0.76 17.03 15.41
N ASN A 49 -0.16 18.16 14.99
CA ASN A 49 0.19 18.43 13.61
C ASN A 49 1.69 18.66 13.44
N ILE A 50 2.17 18.42 12.22
CA ILE A 50 3.45 18.95 11.76
C ILE A 50 3.14 19.78 10.53
N SER A 51 3.52 21.05 10.55
CA SER A 51 3.29 21.93 9.41
C SER A 51 4.31 21.65 8.31
N TYR A 52 4.00 22.12 7.10
CA TYR A 52 4.98 22.00 6.02
C TYR A 52 6.26 22.75 6.37
N ALA A 53 6.14 23.90 7.04
CA ALA A 53 7.36 24.60 7.47
C ALA A 53 8.16 23.75 8.45
N GLU A 54 7.49 23.14 9.42
CA GLU A 54 8.19 22.31 10.41
C GLU A 54 8.82 21.09 9.74
N LEU A 55 8.11 20.48 8.78
CA LEU A 55 8.64 19.30 8.12
C LEU A 55 9.86 19.64 7.27
N LEU A 56 9.83 20.79 6.58
CA LEU A 56 11.02 21.23 5.85
C LEU A 56 12.19 21.40 6.79
N GLU A 57 11.96 22.07 7.91
CA GLU A 57 13.03 22.29 8.88
C GLU A 57 13.58 20.95 9.40
N LEU A 58 12.69 20.05 9.82
CA LEU A 58 13.13 18.80 10.41
C LEU A 58 13.87 17.92 9.40
N THR A 59 13.34 17.82 8.18
CA THR A 59 13.98 16.95 7.19
C THR A 59 15.34 17.50 6.77
N CYS A 60 15.46 18.81 6.60
CA CYS A 60 16.74 19.38 6.18
C CYS A 60 17.75 19.29 7.31
N ARG A 61 17.34 19.61 8.54
N ARG A 61 17.34 19.60 8.55
CA ARG A 61 18.26 19.53 9.68
CA ARG A 61 18.27 19.54 9.67
C ARG A 61 18.71 18.10 9.94
C ARG A 61 18.71 18.10 9.96
N LEU A 62 17.80 17.14 9.78
CA LEU A 62 18.19 15.75 9.98
C LEU A 62 19.15 15.29 8.90
N ALA A 63 18.92 15.72 7.65
CA ALA A 63 19.83 15.39 6.57
C ALA A 63 21.23 15.90 6.86
N GLU A 64 21.33 17.18 7.26
CA GLU A 64 22.62 17.73 7.67
C GLU A 64 23.21 16.94 8.81
N SER A 65 22.37 16.57 9.79
CA SER A 65 22.86 15.80 10.93
C SER A 65 23.39 14.45 10.49
N LEU A 66 22.69 13.79 9.58
CA LEU A 66 23.13 12.49 9.09
C LEU A 66 24.46 12.59 8.35
N LYS A 67 24.64 13.65 7.56
CA LYS A 67 25.91 13.86 6.90
C LYS A 67 27.03 14.07 7.91
N ASN A 68 26.79 14.87 8.95
CA ASN A 68 27.85 15.13 9.93
C ASN A 68 28.14 13.89 10.77
N TYR A 69 27.10 13.08 11.05
CA TYR A 69 27.29 11.79 11.71
C TYR A 69 28.20 10.88 10.91
N GLY A 70 28.19 11.01 9.58
CA GLY A 70 29.11 10.27 8.74
C GLY A 70 28.46 9.44 7.65
N LEU A 71 27.15 9.55 7.47
CA LEU A 71 26.51 8.80 6.39
C LEU A 71 26.87 9.38 5.03
N LYS A 72 27.00 8.48 4.05
CA LYS A 72 27.33 8.79 2.68
C LYS A 72 26.24 8.24 1.77
N GLN A 73 26.25 8.70 0.51
CA GLN A 73 25.39 8.13 -0.52
C GLN A 73 25.52 6.61 -0.54
N ASN A 74 24.38 5.92 -0.59
CA ASN A 74 24.26 4.47 -0.69
C ASN A 74 24.56 3.76 0.62
N ASN A 75 24.75 4.48 1.74
CA ASN A 75 24.53 3.86 3.03
C ASN A 75 23.05 3.58 3.17
N THR A 76 22.66 2.88 4.24
CA THR A 76 21.29 2.46 4.47
C THR A 76 20.85 2.76 5.90
N ILE A 77 19.63 3.29 6.05
CA ILE A 77 18.99 3.41 7.34
C ILE A 77 17.70 2.60 7.31
N ALA A 78 17.15 2.35 8.48
CA ALA A 78 15.87 1.66 8.61
C ALA A 78 14.93 2.48 9.48
N VAL A 79 13.64 2.29 9.25
CA VAL A 79 12.58 2.94 10.03
C VAL A 79 11.64 1.84 10.48
N CYS A 80 11.48 1.68 11.80
CA CYS A 80 10.61 0.66 12.36
C CYS A 80 9.62 1.33 13.31
N SER A 81 8.39 1.56 12.84
CA SER A 81 7.48 2.41 13.59
C SER A 81 6.08 2.27 13.03
N GLU A 82 5.10 2.36 13.92
CA GLU A 82 3.71 2.52 13.51
C GLU A 82 3.56 3.87 12.81
N ASN A 83 2.43 4.04 12.10
CA ASN A 83 2.15 5.33 11.48
C ASN A 83 2.09 6.43 12.54
N ASN A 84 2.91 7.47 12.37
CA ASN A 84 2.87 8.61 13.27
C ASN A 84 3.44 9.82 12.54
N LEU A 85 3.45 10.97 13.22
CA LEU A 85 3.90 12.21 12.61
C LEU A 85 5.37 12.16 12.19
N GLN A 86 6.18 11.42 12.93
CA GLN A 86 7.63 11.49 12.74
C GLN A 86 8.16 10.49 11.72
N PHE A 87 7.35 9.51 11.31
CA PHE A 87 7.82 8.42 10.46
C PHE A 87 8.59 8.93 9.25
N PHE A 88 8.02 9.93 8.55
CA PHE A 88 8.60 10.32 7.28
C PHE A 88 9.77 11.30 7.41
N ILE A 89 10.06 11.78 8.62
CA ILE A 89 11.23 12.66 8.78
C ILE A 89 12.51 11.95 8.36
N PRO A 90 12.84 10.76 8.87
CA PRO A 90 14.04 10.08 8.37
C PRO A 90 13.90 9.61 6.93
N VAL A 91 12.70 9.28 6.47
CA VAL A 91 12.53 8.84 5.09
C VAL A 91 12.97 9.96 4.15
N ILE A 92 12.42 11.15 4.34
CA ILE A 92 12.69 12.24 3.41
C ILE A 92 14.13 12.73 3.56
N ALA A 93 14.62 12.86 4.80
CA ALA A 93 16.01 13.28 5.01
C ALA A 93 16.98 12.36 4.28
N ALA A 94 16.78 11.05 4.36
CA ALA A 94 17.67 10.13 3.66
C ALA A 94 17.59 10.32 2.14
N LEU A 95 16.40 10.54 1.60
CA LEU A 95 16.30 10.74 0.15
C LEU A 95 17.03 12.01 -0.30
N TYR A 96 17.08 13.03 0.56
CA TYR A 96 17.85 14.23 0.24
C TYR A 96 19.31 13.90 -0.04
N ILE A 97 19.87 12.94 0.71
CA ILE A 97 21.31 12.72 0.64
C ILE A 97 21.65 11.40 -0.06
N GLY A 98 20.67 10.72 -0.61
CA GLY A 98 20.96 9.50 -1.35
C GLY A 98 21.27 8.29 -0.50
N VAL A 99 20.77 8.27 0.73
CA VAL A 99 20.84 7.12 1.62
C VAL A 99 19.59 6.27 1.43
N ALA A 100 19.77 4.97 1.25
CA ALA A 100 18.63 4.07 1.06
C ALA A 100 17.87 3.87 2.37
N VAL A 101 16.54 3.72 2.26
CA VAL A 101 15.65 3.62 3.41
C VAL A 101 14.97 2.26 3.41
N ALA A 102 15.08 1.54 4.53
CA ALA A 102 14.47 0.21 4.65
C ALA A 102 13.38 0.26 5.70
N PRO A 103 12.11 0.43 5.31
CA PRO A 103 11.04 0.38 6.32
C PRO A 103 10.81 -1.06 6.76
N VAL A 104 10.62 -1.24 8.06
CA VAL A 104 10.49 -2.55 8.65
C VAL A 104 9.18 -2.59 9.44
N ASN A 105 8.31 -3.55 9.09
CA ASN A 105 7.04 -3.75 9.77
C ASN A 105 7.22 -3.68 11.28
N ASP A 106 6.46 -2.78 11.92
CA ASP A 106 6.55 -2.59 13.36
C ASP A 106 5.91 -3.73 14.14
N LYS A 107 5.16 -4.59 13.49
CA LYS A 107 4.54 -5.73 14.15
C LYS A 107 5.31 -7.02 13.94
N TYR A 108 6.49 -6.95 13.34
CA TYR A 108 7.31 -8.13 13.09
C TYR A 108 7.69 -8.82 14.39
N THR A 109 7.75 -10.15 14.35
CA THR A 109 8.39 -10.86 15.45
C THR A 109 9.90 -10.63 15.40
N GLU A 110 10.58 -11.02 16.47
CA GLU A 110 12.03 -10.90 16.49
C GLU A 110 12.66 -11.62 15.29
N ARG A 111 12.17 -12.83 14.98
CA ARG A 111 12.76 -13.60 13.88
C ARG A 111 12.50 -12.94 12.53
N GLU A 112 11.30 -12.40 12.33
CA GLU A 112 11.02 -11.66 11.10
C GLU A 112 11.87 -10.39 11.03
N LEU A 113 12.05 -9.71 12.16
CA LEU A 113 12.89 -8.54 12.24
C LEU A 113 14.32 -8.84 11.83
N ILE A 114 14.90 -9.89 12.41
CA ILE A 114 16.26 -10.30 12.06
C ILE A 114 16.37 -10.60 10.58
N ASN A 115 15.40 -11.31 10.01
CA ASN A 115 15.55 -11.70 8.62
C ASN A 115 15.45 -10.48 7.70
N SER A 116 14.60 -9.52 8.03
CA SER A 116 14.50 -8.30 7.22
C SER A 116 15.75 -7.45 7.36
N LEU A 117 16.21 -7.23 8.59
CA LEU A 117 17.40 -6.40 8.80
C LEU A 117 18.64 -7.04 8.19
N ASN A 118 18.73 -8.39 8.16
CA ASN A 118 19.91 -9.01 7.58
C ASN A 118 20.01 -8.78 6.07
N ILE A 119 18.89 -8.46 5.42
CA ILE A 119 18.94 -8.16 3.99
C ILE A 119 19.43 -6.73 3.77
N SER A 120 18.86 -5.77 4.49
CA SER A 120 19.18 -4.37 4.23
C SER A 120 20.39 -3.86 5.01
N LYS A 121 20.74 -4.52 6.11
CA LYS A 121 21.87 -4.15 6.95
C LYS A 121 21.98 -2.65 7.21
N PRO A 122 20.97 -2.03 7.81
CA PRO A 122 21.02 -0.59 8.07
C PRO A 122 22.04 -0.22 9.13
N THR A 123 22.67 0.94 8.95
CA THR A 123 23.61 1.46 9.94
C THR A 123 22.90 2.14 11.10
N ILE A 124 21.78 2.79 10.84
CA ILE A 124 20.97 3.44 11.84
C ILE A 124 19.56 2.91 11.72
N ILE A 125 18.89 2.67 12.85
CA ILE A 125 17.46 2.36 12.89
C ILE A 125 16.76 3.47 13.66
N PHE A 126 15.80 4.13 13.01
CA PHE A 126 14.86 5.03 13.65
C PHE A 126 13.67 4.20 14.12
N CYS A 127 13.40 4.22 15.42
CA CYS A 127 12.30 3.43 15.98
C CYS A 127 11.33 4.36 16.71
N SER A 128 10.25 3.78 17.22
CA SER A 128 9.33 4.51 18.08
C SER A 128 9.46 4.02 19.51
N LYS A 129 8.80 4.73 20.43
CA LYS A 129 8.74 4.22 21.80
C LYS A 129 8.18 2.80 21.84
N LYS A 130 7.18 2.52 21.00
CA LYS A 130 6.54 1.20 21.04
C LYS A 130 7.42 0.10 20.45
N THR A 131 8.35 0.42 19.55
CA THR A 131 9.22 -0.62 19.00
C THR A 131 10.61 -0.63 19.60
N LEU A 132 10.90 0.29 20.53
CA LEU A 132 12.26 0.41 21.05
C LEU A 132 12.76 -0.90 21.65
N GLN A 133 11.93 -1.55 22.47
CA GLN A 133 12.38 -2.74 23.19
C GLN A 133 12.73 -3.87 22.22
N LYS A 134 11.89 -4.13 21.22
CA LYS A 134 12.19 -5.21 20.30
C LYS A 134 13.40 -4.88 19.42
N ILE A 135 13.59 -3.60 19.06
CA ILE A 135 14.78 -3.23 18.30
C ILE A 135 16.03 -3.39 19.16
N LEU A 136 15.94 -3.04 20.45
CA LEU A 136 17.07 -3.23 21.35
C LEU A 136 17.43 -4.71 21.47
N GLN A 137 16.41 -5.57 21.63
CA GLN A 137 16.65 -7.00 21.70
C GLN A 137 17.44 -7.50 20.51
N VAL A 138 16.98 -7.16 19.29
CA VAL A 138 17.61 -7.76 18.12
C VAL A 138 18.97 -7.12 17.85
N LYS A 139 19.17 -5.85 18.20
CA LYS A 139 20.44 -5.18 17.92
C LYS A 139 21.60 -5.93 18.54
N LYS A 140 21.39 -6.58 19.69
CA LYS A 140 22.47 -7.29 20.36
C LYS A 140 23.05 -8.38 19.48
N LYS A 141 22.27 -8.91 18.53
CA LYS A 141 22.69 -9.98 17.63
C LYS A 141 23.23 -9.48 16.30
N LEU A 142 23.09 -8.19 15.99
CA LEU A 142 23.30 -7.68 14.64
C LEU A 142 24.36 -6.58 14.67
N SER A 143 25.61 -6.96 14.37
CA SER A 143 26.75 -6.06 14.53
C SER A 143 26.71 -4.85 13.61
N TYR A 144 25.97 -4.92 12.49
CA TYR A 144 25.98 -3.81 11.53
C TYR A 144 25.15 -2.62 12.00
N ILE A 145 24.30 -2.80 13.00
CA ILE A 145 23.52 -1.68 13.54
C ILE A 145 24.41 -0.89 14.50
N LYS A 146 24.65 0.37 14.18
CA LYS A 146 25.54 1.20 14.99
C LYS A 146 24.81 2.19 15.88
N LYS A 147 23.53 2.46 15.62
CA LYS A 147 22.87 3.61 16.22
C LYS A 147 21.36 3.43 16.17
N ILE A 148 20.70 3.69 17.30
CA ILE A 148 19.25 3.72 17.41
C ILE A 148 18.82 5.14 17.73
N ILE A 149 17.78 5.62 17.05
CA ILE A 149 17.23 6.96 17.28
C ILE A 149 15.72 6.81 17.50
N ILE A 150 15.22 7.38 18.59
CA ILE A 150 13.81 7.27 18.97
C ILE A 150 13.05 8.44 18.37
N LEU A 151 12.03 8.14 17.56
CA LEU A 151 11.39 9.18 16.75
C LEU A 151 10.46 10.06 17.58
N ASP A 152 9.69 9.47 18.47
CA ASP A 152 8.54 10.12 19.08
C ASP A 152 8.69 10.29 20.59
N SER A 153 9.92 10.53 21.05
CA SER A 153 10.20 10.90 22.43
C SER A 153 10.96 12.20 22.41
N LYS A 154 10.63 13.10 23.33
CA LYS A 154 11.37 14.34 23.51
C LYS A 154 12.58 14.19 24.43
N GLU A 155 12.78 13.02 25.01
CA GLU A 155 13.94 12.78 25.87
C GLU A 155 14.58 11.45 25.50
N ASP A 156 15.87 11.35 25.77
CA ASP A 156 16.58 10.09 25.62
C ASP A 156 16.03 9.08 26.60
N ILE A 157 16.12 7.80 26.24
CA ILE A 157 15.60 6.70 27.05
C ILE A 157 16.71 5.68 27.25
N GLY A 158 17.17 5.53 28.49
CA GLY A 158 18.04 4.41 28.83
C GLY A 158 19.30 4.29 28.00
N GLY A 159 19.91 5.41 27.65
CA GLY A 159 21.11 5.39 26.84
C GLY A 159 20.87 5.47 25.36
N TYR A 160 19.61 5.61 24.93
CA TYR A 160 19.28 5.68 23.51
C TYR A 160 18.70 7.05 23.21
N GLN A 161 19.19 7.64 22.14
CA GLN A 161 18.97 9.05 21.86
C GLN A 161 17.67 9.29 21.11
N CYS A 162 17.00 10.39 21.45
CA CYS A 162 15.79 10.78 20.73
C CYS A 162 16.13 11.62 19.51
N LEU A 163 15.16 11.73 18.61
CA LEU A 163 15.39 12.42 17.34
C LEU A 163 15.89 13.84 17.55
N ASN A 164 15.24 14.59 18.45
CA ASN A 164 15.60 16.00 18.63
C ASN A 164 17.02 16.15 19.16
N ASN A 165 17.45 15.27 20.07
CA ASN A 165 18.81 15.37 20.61
C ASN A 165 19.85 14.91 19.59
N PHE A 166 19.50 13.95 18.72
CA PHE A 166 20.41 13.61 17.63
C PHE A 166 20.63 14.80 16.70
N ILE A 167 19.56 15.49 16.33
CA ILE A 167 19.67 16.67 15.46
C ILE A 167 20.48 17.78 16.15
N SER A 168 20.20 18.03 17.43
CA SER A 168 20.96 19.05 18.17
C SER A 168 22.43 18.69 18.23
N GLN A 169 22.76 17.42 18.40
CA GLN A 169 24.16 17.03 18.54
C GLN A 169 24.92 17.24 17.23
N HIS A 170 24.28 16.97 16.10
CA HIS A 170 24.98 16.85 14.83
C HIS A 170 24.71 18.00 13.85
N SER A 171 24.01 19.04 14.27
CA SER A 171 23.80 20.19 13.41
C SER A 171 23.83 21.45 14.27
N ASP A 172 24.27 22.55 13.68
N ASP A 172 24.26 22.56 13.68
CA ASP A 172 24.33 23.80 14.41
CA ASP A 172 24.35 23.81 14.41
C ASP A 172 22.94 24.41 14.54
C ASP A 172 22.96 24.44 14.52
N ALA A 173 22.67 24.98 15.71
CA ALA A 173 21.34 25.55 15.98
C ALA A 173 20.97 26.65 15.00
N ASN A 174 21.95 27.42 14.52
CA ASN A 174 21.75 28.46 13.51
C ASN A 174 21.82 27.93 12.08
N PHE A 175 21.68 26.62 11.88
CA PHE A 175 21.74 26.06 10.54
C PHE A 175 20.70 26.72 9.66
N ASN A 176 21.12 27.14 8.46
CA ASN A 176 20.27 27.95 7.58
C ASN A 176 19.52 27.02 6.64
N VAL A 177 18.23 26.81 6.92
CA VAL A 177 17.44 25.87 6.13
C VAL A 177 17.23 26.41 4.72
N SER A 178 17.02 27.72 4.59
CA SER A 178 16.71 28.28 3.28
C SER A 178 17.77 27.96 2.24
N ASN A 179 19.03 27.77 2.68
CA ASN A 179 20.13 27.51 1.77
C ASN A 179 20.44 26.04 1.58
N PHE A 180 19.98 25.18 2.50
CA PHE A 180 20.19 23.74 2.35
C PHE A 180 19.80 23.30 0.95
N LYS A 181 20.58 22.39 0.37
CA LYS A 181 20.24 21.87 -0.93
C LYS A 181 20.42 20.36 -0.90
N PRO A 182 19.42 19.59 -1.32
CA PRO A 182 19.61 18.14 -1.41
C PRO A 182 20.67 17.80 -2.45
N ASN A 183 21.20 16.58 -2.35
CA ASN A 183 22.24 16.12 -3.27
C ASN A 183 21.62 15.71 -4.60
N SER A 184 22.40 15.89 -5.67
CA SER A 184 22.10 15.37 -6.99
C SER A 184 22.96 14.13 -7.23
N PHE A 185 22.36 13.10 -7.82
CA PHE A 185 23.03 11.85 -8.13
C PHE A 185 22.23 11.15 -9.21
N ASP A 186 22.72 9.98 -9.64
CA ASP A 186 22.12 9.24 -10.74
C ASP A 186 20.84 8.57 -10.26
N ARG A 187 19.69 9.15 -10.58
CA ARG A 187 18.43 8.63 -10.06
C ARG A 187 18.08 7.26 -10.65
N ASP A 188 18.64 6.91 -11.80
CA ASP A 188 18.34 5.60 -12.39
C ASP A 188 19.04 4.48 -11.65
N GLU A 189 20.17 4.79 -11.01
CA GLU A 189 20.96 3.78 -10.33
C GLU A 189 20.79 3.78 -8.82
N GLN A 190 20.61 4.94 -8.19
CA GLN A 190 20.63 5.04 -6.74
C GLN A 190 19.32 4.53 -6.13
N VAL A 191 19.42 3.50 -5.28
CA VAL A 191 18.26 2.94 -4.62
C VAL A 191 17.73 3.95 -3.60
N ALA A 192 16.41 4.12 -3.60
CA ALA A 192 15.71 4.98 -2.65
C ALA A 192 15.14 4.20 -1.47
N LEU A 193 14.37 3.15 -1.76
CA LEU A 193 13.70 2.35 -0.74
C LEU A 193 14.07 0.89 -0.93
N ILE A 194 14.16 0.17 0.20
CA ILE A 194 14.24 -1.29 0.22
C ILE A 194 13.01 -1.78 0.98
N MET A 195 12.07 -2.39 0.25
CA MET A 195 10.76 -2.76 0.79
C MET A 195 10.64 -4.27 0.90
N ASN A 196 9.89 -4.73 1.91
CA ASN A 196 9.80 -6.16 2.14
C ASN A 196 8.70 -6.79 1.28
N SER A 197 9.04 -7.89 0.61
CA SER A 197 8.07 -8.61 -0.20
C SER A 197 8.54 -10.05 -0.36
N SER A 198 7.62 -11.00 -0.15
CA SER A 198 7.92 -12.40 -0.45
C SER A 198 7.82 -12.70 -1.94
N GLY A 199 7.18 -11.82 -2.72
CA GLY A 199 7.10 -12.02 -4.15
C GLY A 199 6.16 -13.16 -4.51
N THR A 200 6.48 -13.84 -5.63
CA THR A 200 5.64 -14.91 -6.13
C THR A 200 5.89 -16.25 -5.43
N THR A 201 7.03 -16.41 -4.76
CA THR A 201 7.35 -17.64 -4.04
C THR A 201 8.60 -17.47 -3.20
N GLY A 202 8.67 -18.17 -2.07
CA GLY A 202 9.86 -18.15 -1.22
C GLY A 202 9.68 -17.28 0.00
N LEU A 203 10.81 -17.05 0.67
CA LEU A 203 10.85 -16.28 1.91
C LEU A 203 10.87 -14.78 1.61
N PRO A 204 10.61 -13.94 2.60
CA PRO A 204 10.61 -12.49 2.38
C PRO A 204 11.96 -11.99 1.86
N LYS A 205 11.90 -11.04 0.94
CA LYS A 205 13.04 -10.48 0.25
C LYS A 205 12.99 -8.97 0.33
N GLY A 206 14.08 -8.33 -0.10
CA GLY A 206 14.13 -6.87 -0.11
C GLY A 206 14.01 -6.32 -1.52
N VAL A 207 12.99 -5.51 -1.76
CA VAL A 207 12.73 -4.95 -3.09
C VAL A 207 13.45 -3.61 -3.21
N MET A 208 14.35 -3.50 -4.17
CA MET A 208 15.06 -2.24 -4.42
C MET A 208 14.27 -1.36 -5.38
N LEU A 209 13.83 -0.19 -4.91
CA LEU A 209 13.20 0.83 -5.75
C LEU A 209 14.12 2.03 -5.83
N THR A 210 14.39 2.49 -7.06
CA THR A 210 15.32 3.58 -7.32
C THR A 210 14.64 4.95 -7.22
N HIS A 211 15.46 6.00 -7.22
CA HIS A 211 14.88 7.33 -7.29
C HIS A 211 14.08 7.51 -8.58
N LYS A 212 14.51 6.90 -9.68
CA LYS A 212 13.73 6.97 -10.91
C LYS A 212 12.36 6.35 -10.72
N ASN A 213 12.28 5.18 -10.06
CA ASN A 213 10.98 4.58 -9.80
C ASN A 213 10.09 5.56 -9.04
N LEU A 214 10.65 6.24 -8.03
CA LEU A 214 9.85 7.15 -7.21
C LEU A 214 9.40 8.38 -7.98
N VAL A 215 10.28 8.94 -8.83
CA VAL A 215 9.84 10.17 -9.49
C VAL A 215 8.80 9.86 -10.56
N VAL A 216 8.79 8.63 -11.07
CA VAL A 216 7.70 8.24 -11.95
C VAL A 216 6.38 8.19 -11.18
N ARG A 217 6.41 7.68 -9.94
CA ARG A 217 5.22 7.79 -9.09
C ARG A 217 4.82 9.24 -8.87
N PHE A 218 5.81 10.12 -8.66
CA PHE A 218 5.50 11.52 -8.45
C PHE A 218 4.90 12.17 -9.69
N SER A 219 5.23 11.65 -10.88
CA SER A 219 4.56 12.09 -12.10
C SER A 219 3.09 11.67 -12.08
N HIS A 220 2.81 10.40 -11.77
CA HIS A 220 1.44 9.91 -11.75
C HIS A 220 0.57 10.71 -10.79
N CYS A 221 1.07 10.96 -9.58
CA CYS A 221 0.18 11.44 -8.53
C CYS A 221 -0.23 12.88 -8.76
N ARG A 222 0.52 13.63 -9.58
CA ARG A 222 0.19 15.01 -9.95
C ARG A 222 -0.46 15.10 -11.31
N ASP A 223 -0.64 13.98 -11.98
CA ASP A 223 -1.13 13.95 -13.36
C ASP A 223 -2.63 14.27 -13.38
N PRO A 224 -3.08 15.26 -14.17
CA PRO A 224 -4.52 15.59 -14.17
C PRO A 224 -5.43 14.42 -14.51
N ILE A 225 -4.94 13.38 -15.19
CA ILE A 225 -5.77 12.21 -15.47
C ILE A 225 -5.57 11.09 -14.46
N PHE A 226 -4.33 10.80 -14.07
CA PHE A 226 -4.09 9.65 -13.22
C PHE A 226 -3.85 10.01 -11.75
N GLY A 227 -3.74 11.30 -11.41
CA GLY A 227 -3.45 11.70 -10.05
C GLY A 227 -4.68 11.84 -9.16
N ASN A 228 -4.41 12.07 -7.87
CA ASN A 228 -5.47 12.41 -6.94
C ASN A 228 -6.22 13.61 -7.45
N GLN A 229 -7.54 13.56 -7.34
CA GLN A 229 -8.41 14.61 -7.85
C GLN A 229 -8.90 15.52 -6.73
N ILE A 230 -7.96 15.98 -5.91
CA ILE A 230 -8.17 16.98 -4.89
C ILE A 230 -7.02 17.99 -5.01
N ILE A 231 -7.27 19.23 -4.63
CA ILE A 231 -6.31 20.31 -4.89
C ILE A 231 -5.35 20.45 -3.70
N PRO A 232 -4.18 21.05 -3.91
CA PRO A 232 -3.23 21.22 -2.80
C PRO A 232 -3.89 21.88 -1.59
N GLY A 233 -3.52 21.40 -0.40
CA GLY A 233 -4.10 21.87 0.84
C GLY A 233 -5.31 21.09 1.29
N THR A 234 -5.89 20.27 0.41
CA THR A 234 -7.01 19.43 0.80
C THR A 234 -6.55 18.38 1.81
N ALA A 235 -7.45 18.03 2.73
CA ALA A 235 -7.20 16.98 3.71
C ALA A 235 -7.53 15.61 3.13
N ILE A 236 -6.60 14.66 3.30
CA ILE A 236 -6.74 13.29 2.84
C ILE A 236 -6.46 12.40 4.04
N LEU A 237 -7.25 11.34 4.20
CA LEU A 237 -7.09 10.44 5.36
C LEU A 237 -6.68 9.06 4.85
N THR A 238 -5.54 8.57 5.33
CA THR A 238 -5.07 7.24 4.94
C THR A 238 -5.01 6.32 6.15
N VAL A 239 -5.41 5.06 5.94
CA VAL A 239 -5.31 4.03 6.97
C VAL A 239 -4.27 2.98 6.60
N ILE A 240 -3.43 3.25 5.61
CA ILE A 240 -2.50 2.26 5.07
C ILE A 240 -1.16 2.36 5.80
N PRO A 241 -0.58 1.24 6.24
CA PRO A 241 0.73 1.28 6.91
C PRO A 241 1.80 1.91 6.05
N PHE A 242 2.53 2.87 6.62
CA PHE A 242 3.61 3.53 5.90
C PHE A 242 4.76 2.59 5.54
N HIS A 243 4.94 1.47 6.24
CA HIS A 243 6.09 0.62 5.96
C HIS A 243 5.87 -0.31 4.77
N HIS A 244 4.66 -0.33 4.21
CA HIS A 244 4.37 -1.11 3.01
C HIS A 244 4.33 -0.18 1.81
N GLY A 245 4.69 -0.71 0.63
CA GLY A 245 4.71 0.11 -0.57
C GLY A 245 3.39 0.81 -0.84
N PHE A 246 2.27 0.14 -0.51
CA PHE A 246 0.95 0.76 -0.67
C PHE A 246 0.87 2.07 0.10
N GLY A 247 1.39 2.10 1.33
CA GLY A 247 1.32 3.30 2.14
C GLY A 247 2.50 4.22 1.93
N MET A 248 3.66 3.66 1.56
CA MET A 248 4.85 4.47 1.37
C MET A 248 4.70 5.40 0.17
N PHE A 249 4.32 4.85 -0.97
CA PHE A 249 4.40 5.65 -2.19
C PHE A 249 3.15 6.46 -2.49
N THR A 250 2.01 6.14 -1.85
CA THR A 250 0.93 7.10 -1.81
C THR A 250 1.28 8.28 -0.92
N THR A 251 1.73 8.02 0.31
CA THR A 251 1.96 9.12 1.23
C THR A 251 3.10 10.03 0.75
N LEU A 252 4.18 9.46 0.20
CA LEU A 252 5.23 10.33 -0.33
C LEU A 252 4.68 11.25 -1.41
N GLY A 253 3.84 10.71 -2.29
CA GLY A 253 3.23 11.53 -3.32
C GLY A 253 2.34 12.63 -2.76
N TYR A 254 1.65 12.36 -1.65
CA TYR A 254 0.78 13.38 -1.06
C TYR A 254 1.59 14.62 -0.65
N PHE A 255 2.83 14.43 -0.19
CA PHE A 255 3.65 15.59 0.14
C PHE A 255 3.91 16.44 -1.09
N THR A 256 4.16 15.81 -2.24
CA THR A 256 4.44 16.58 -3.45
C THR A 256 3.22 17.34 -3.92
N CYS A 257 2.04 16.93 -3.47
CA CYS A 257 0.79 17.61 -3.79
C CYS A 257 0.36 18.59 -2.70
N GLY A 258 1.11 18.70 -1.61
CA GLY A 258 0.77 19.66 -0.57
C GLY A 258 -0.51 19.33 0.17
N PHE A 259 -0.88 18.05 0.26
CA PHE A 259 -2.08 17.69 1.00
C PHE A 259 -1.82 17.74 2.51
N ARG A 260 -2.91 17.85 3.27
CA ARG A 260 -2.86 17.67 4.71
C ARG A 260 -3.20 16.21 4.98
N ILE A 261 -2.21 15.44 5.42
CA ILE A 261 -2.31 13.99 5.51
C ILE A 261 -2.74 13.65 6.93
N VAL A 262 -3.97 13.16 7.06
CA VAL A 262 -4.50 12.74 8.36
C VAL A 262 -4.24 11.25 8.49
N LEU A 263 -3.56 10.85 9.56
CA LEU A 263 -3.10 9.48 9.72
C LEU A 263 -3.66 8.87 11.00
N MET A 264 -3.72 7.53 11.03
CA MET A 264 -4.06 6.75 12.20
C MET A 264 -3.06 5.62 12.35
N HIS A 265 -2.72 5.26 13.58
CA HIS A 265 -1.88 4.08 13.78
C HIS A 265 -2.69 2.82 14.03
N ARG A 266 -4.00 2.96 14.23
CA ARG A 266 -4.90 1.82 14.21
C ARG A 266 -6.27 2.32 13.79
N PHE A 267 -7.01 1.48 13.09
CA PHE A 267 -8.33 1.86 12.63
C PHE A 267 -9.35 1.69 13.76
N GLU A 268 -10.13 2.74 13.98
CA GLU A 268 -11.29 2.68 14.86
C GLU A 268 -12.43 3.35 14.12
N GLU A 269 -13.60 2.72 14.09
CA GLU A 269 -14.68 3.21 13.22
C GLU A 269 -15.10 4.62 13.60
N GLU A 270 -15.37 4.87 14.88
CA GLU A 270 -15.87 6.19 15.28
C GLU A 270 -14.82 7.28 15.04
N LEU A 271 -13.56 7.02 15.41
CA LEU A 271 -12.54 8.03 15.21
C LEU A 271 -12.30 8.30 13.73
N PHE A 272 -12.32 7.25 12.90
CA PHE A 272 -12.21 7.39 11.45
C PHE A 272 -13.28 8.34 10.92
N LEU A 273 -14.54 8.06 11.22
CA LEU A 273 -15.64 8.89 10.70
C LEU A 273 -15.58 10.30 11.27
N LYS A 274 -15.34 10.45 12.58
CA LYS A 274 -15.25 11.79 13.14
C LYS A 274 -14.12 12.57 12.50
N SER A 275 -13.02 11.89 12.18
CA SER A 275 -11.88 12.58 11.60
C SER A 275 -12.17 13.02 10.17
N LEU A 276 -12.87 12.19 9.38
CA LEU A 276 -13.28 12.63 8.05
C LEU A 276 -14.12 13.89 8.14
N GLN A 277 -15.07 13.90 9.06
CA GLN A 277 -15.95 15.05 9.24
C GLN A 277 -15.17 16.29 9.70
N ASP A 278 -14.39 16.13 10.75
CA ASP A 278 -13.85 17.31 11.43
C ASP A 278 -12.74 17.98 10.65
N TYR A 279 -11.98 17.23 9.86
CA TYR A 279 -10.94 17.82 9.01
C TYR A 279 -11.44 18.11 7.60
N LYS A 280 -12.74 17.92 7.36
CA LYS A 280 -13.36 18.17 6.05
C LYS A 280 -12.62 17.40 4.97
N VAL A 281 -12.41 16.12 5.24
CA VAL A 281 -11.60 15.28 4.37
C VAL A 281 -12.30 15.06 3.05
N GLN A 282 -11.57 15.28 1.95
CA GLN A 282 -12.18 15.09 0.64
C GLN A 282 -11.75 13.78 -0.03
N SER A 283 -10.71 13.12 0.48
CA SER A 283 -10.18 11.93 -0.14
C SER A 283 -9.75 10.97 0.95
N THR A 284 -9.92 9.68 0.72
CA THR A 284 -9.46 8.70 1.70
C THR A 284 -8.97 7.45 0.97
N LEU A 285 -8.00 6.77 1.60
CA LEU A 285 -7.34 5.62 1.01
C LEU A 285 -7.61 4.42 1.90
N LEU A 286 -8.27 3.41 1.36
CA LEU A 286 -8.88 2.33 2.14
C LEU A 286 -8.49 0.96 1.57
N VAL A 287 -8.94 -0.08 2.25
CA VAL A 287 -8.85 -1.46 1.78
C VAL A 287 -10.28 -1.99 1.64
N PRO A 288 -10.51 -3.12 0.96
CA PRO A 288 -11.90 -3.53 0.67
C PRO A 288 -12.81 -3.71 1.89
N THR A 289 -12.30 -4.21 3.01
CA THR A 289 -13.16 -4.33 4.21
C THR A 289 -13.77 -2.98 4.59
N LEU A 290 -12.99 -1.90 4.47
CA LEU A 290 -13.53 -0.59 4.80
C LEU A 290 -14.44 -0.03 3.72
N MET A 291 -14.30 -0.49 2.48
CA MET A 291 -15.29 -0.14 1.48
C MET A 291 -16.64 -0.76 1.82
N ALA A 292 -16.65 -2.01 2.29
CA ALA A 292 -17.89 -2.63 2.74
C ALA A 292 -18.47 -1.89 3.94
N PHE A 293 -17.60 -1.43 4.84
CA PHE A 293 -18.03 -0.60 5.96
C PHE A 293 -18.74 0.66 5.45
N PHE A 294 -18.12 1.37 4.51
CA PHE A 294 -18.77 2.55 3.94
C PHE A 294 -20.12 2.21 3.31
N ALA A 295 -20.22 1.03 2.67
CA ALA A 295 -21.44 0.70 1.96
C ALA A 295 -22.56 0.30 2.90
N LYS A 296 -22.24 -0.31 4.04
CA LYS A 296 -23.24 -1.01 4.84
C LYS A 296 -23.46 -0.47 6.25
N SER A 297 -22.49 0.26 6.83
CA SER A 297 -22.59 0.56 8.27
C SER A 297 -23.60 1.68 8.53
N PRO A 298 -24.49 1.49 9.51
CA PRO A 298 -25.37 2.61 9.92
C PRO A 298 -24.62 3.76 10.54
N LEU A 299 -23.43 3.53 11.09
CA LEU A 299 -22.66 4.59 11.74
C LEU A 299 -22.35 5.73 10.78
N VAL A 300 -22.24 5.42 9.49
CA VAL A 300 -21.90 6.43 8.49
C VAL A 300 -22.91 7.58 8.51
N ASP A 301 -24.19 7.26 8.75
CA ASP A 301 -25.22 8.29 8.71
C ASP A 301 -25.16 9.27 9.88
N LYS A 302 -24.37 8.98 10.92
CA LYS A 302 -24.28 9.83 12.09
C LYS A 302 -23.28 10.96 11.93
N TYR A 303 -22.55 11.02 10.82
CA TYR A 303 -21.49 12.01 10.65
C TYR A 303 -21.72 12.78 9.35
N ASP A 304 -21.22 14.02 9.32
CA ASP A 304 -21.30 14.86 8.13
C ASP A 304 -20.09 14.57 7.26
N LEU A 305 -20.30 13.74 6.25
CA LEU A 305 -19.25 13.32 5.31
C LEU A 305 -19.44 13.97 3.94
N SER A 306 -20.15 15.10 3.88
CA SER A 306 -20.48 15.74 2.61
C SER A 306 -19.24 16.19 1.84
N ASN A 307 -18.10 16.42 2.51
CA ASN A 307 -16.90 16.82 1.81
C ASN A 307 -16.23 15.66 1.08
N LEU A 308 -16.50 14.41 1.48
CA LEU A 308 -15.77 13.27 0.94
C LEU A 308 -16.22 12.98 -0.49
N LYS A 309 -15.30 13.01 -1.45
CA LYS A 309 -15.64 12.75 -2.84
C LYS A 309 -14.69 11.82 -3.55
N GLU A 310 -13.50 11.58 -3.02
CA GLU A 310 -12.55 10.66 -3.63
C GLU A 310 -12.34 9.52 -2.66
N ILE A 311 -12.96 8.37 -2.94
CA ILE A 311 -12.89 7.23 -2.05
C ILE A 311 -12.12 6.14 -2.78
N ALA A 312 -10.93 5.78 -2.27
CA ALA A 312 -10.02 4.92 -3.01
C ALA A 312 -9.81 3.61 -2.26
N SER A 313 -9.69 2.51 -3.02
CA SER A 313 -9.35 1.20 -2.47
C SER A 313 -8.14 0.64 -3.19
N GLY A 314 -7.37 -0.18 -2.48
CA GLY A 314 -6.31 -0.93 -3.13
C GLY A 314 -5.91 -2.10 -2.26
N GLY A 315 -4.95 -2.87 -2.74
CA GLY A 315 -4.32 -3.91 -1.94
C GLY A 315 -4.90 -5.31 -2.11
N ALA A 316 -6.13 -5.43 -2.56
CA ALA A 316 -6.82 -6.72 -2.62
C ALA A 316 -8.07 -6.55 -3.48
N PRO A 317 -8.60 -7.65 -4.02
CA PRO A 317 -9.80 -7.54 -4.88
C PRO A 317 -10.95 -6.80 -4.21
N LEU A 318 -11.52 -5.85 -4.94
CA LEU A 318 -12.71 -5.12 -4.51
C LEU A 318 -13.91 -5.58 -5.34
N SER A 319 -14.99 -5.97 -4.66
CA SER A 319 -16.20 -6.40 -5.34
C SER A 319 -16.80 -5.26 -6.13
N LYS A 320 -17.18 -5.54 -7.38
CA LYS A 320 -17.89 -4.54 -8.19
C LYS A 320 -19.08 -3.96 -7.43
N GLU A 321 -19.91 -4.83 -6.85
CA GLU A 321 -21.13 -4.37 -6.20
C GLU A 321 -20.85 -3.54 -4.95
N VAL A 322 -19.79 -3.85 -4.19
CA VAL A 322 -19.47 -3.02 -3.03
C VAL A 322 -19.07 -1.62 -3.47
N GLY A 323 -18.24 -1.53 -4.51
CA GLY A 323 -17.84 -0.22 -5.01
C GLY A 323 -19.03 0.60 -5.49
N GLU A 324 -19.93 -0.03 -6.25
CA GLU A 324 -21.13 0.66 -6.71
C GLU A 324 -21.98 1.13 -5.52
N ALA A 325 -22.06 0.33 -4.46
CA ALA A 325 -22.86 0.73 -3.31
C ALA A 325 -22.27 1.92 -2.59
N VAL A 326 -20.92 1.99 -2.52
CA VAL A 326 -20.27 3.13 -1.89
C VAL A 326 -20.53 4.40 -2.71
N ALA A 327 -20.32 4.32 -4.03
CA ALA A 327 -20.56 5.47 -4.88
C ALA A 327 -22.01 5.95 -4.76
N LYS A 328 -22.95 5.00 -4.76
CA LYS A 328 -24.36 5.38 -4.66
C LYS A 328 -24.65 6.06 -3.33
N ARG A 329 -24.14 5.51 -2.23
CA ARG A 329 -24.48 6.04 -0.92
C ARG A 329 -23.93 7.45 -0.74
N PHE A 330 -22.73 7.71 -1.27
CA PHE A 330 -22.12 9.02 -1.17
C PHE A 330 -22.46 9.93 -2.35
N LYS A 331 -23.35 9.49 -3.24
CA LYS A 331 -23.80 10.27 -4.39
C LYS A 331 -22.62 10.74 -5.24
N LEU A 332 -21.75 9.78 -5.57
CA LEU A 332 -20.56 10.02 -6.40
C LEU A 332 -20.67 9.29 -7.73
N PRO A 333 -20.03 9.81 -8.78
CA PRO A 333 -20.03 9.10 -10.07
C PRO A 333 -19.31 7.76 -10.02
N GLY A 334 -18.38 7.57 -9.09
CA GLY A 334 -17.71 6.29 -8.96
C GLY A 334 -16.68 6.37 -7.86
N ILE A 335 -15.95 5.27 -7.70
CA ILE A 335 -14.89 5.19 -6.71
C ILE A 335 -13.53 5.18 -7.41
N ARG A 336 -12.48 5.39 -6.65
CA ARG A 336 -11.10 5.34 -7.13
C ARG A 336 -10.50 4.00 -6.75
N GLN A 337 -9.64 3.46 -7.63
CA GLN A 337 -8.99 2.21 -7.29
C GLN A 337 -7.63 2.15 -7.97
N GLY A 338 -6.70 1.44 -7.34
CA GLY A 338 -5.40 1.20 -7.92
C GLY A 338 -4.98 -0.22 -7.64
N TYR A 339 -4.07 -0.71 -8.49
CA TYR A 339 -3.56 -2.07 -8.36
C TYR A 339 -2.07 -2.00 -8.61
N GLY A 340 -1.29 -2.67 -7.77
CA GLY A 340 0.14 -2.75 -8.01
C GLY A 340 0.74 -3.77 -7.08
N LEU A 341 2.07 -3.88 -7.13
CA LEU A 341 2.82 -4.79 -6.29
C LEU A 341 4.00 -4.05 -5.69
N THR A 342 4.51 -4.54 -4.57
CA THR A 342 5.74 -3.96 -4.03
C THR A 342 6.79 -3.83 -5.12
N GLU A 343 6.87 -4.84 -6.00
CA GLU A 343 7.88 -4.91 -7.05
C GLU A 343 7.64 -3.91 -8.17
N THR A 344 6.46 -3.27 -8.23
CA THR A 344 6.20 -2.26 -9.25
C THR A 344 6.17 -0.86 -8.64
N THR A 345 6.72 -0.68 -7.45
CA THR A 345 6.73 0.55 -6.66
C THR A 345 5.34 0.91 -6.15
N SER A 346 4.42 1.22 -7.05
CA SER A 346 3.11 1.71 -6.68
C SER A 346 2.09 1.14 -7.66
N ALA A 347 0.92 1.77 -7.75
CA ALA A 347 -0.13 1.28 -8.63
C ALA A 347 0.27 1.49 -10.08
N ILE A 348 0.13 0.44 -10.88
CA ILE A 348 0.38 0.50 -12.32
C ILE A 348 -0.88 0.41 -13.14
N ILE A 349 -2.01 0.14 -12.50
CA ILE A 349 -3.34 0.28 -13.08
C ILE A 349 -4.13 1.16 -12.12
N ILE A 350 -4.69 2.25 -12.64
CA ILE A 350 -5.39 3.25 -11.83
C ILE A 350 -6.65 3.66 -12.59
N THR A 351 -7.73 3.89 -11.86
CA THR A 351 -8.95 4.42 -12.48
C THR A 351 -8.70 5.84 -12.98
N PRO A 352 -8.73 6.11 -14.28
CA PRO A 352 -8.43 7.47 -14.77
C PRO A 352 -9.59 8.44 -14.57
N GLU A 353 -9.24 9.73 -14.50
CA GLU A 353 -10.28 10.77 -14.44
C GLU A 353 -11.21 10.64 -15.63
N GLY A 354 -12.52 10.68 -15.37
CA GLY A 354 -13.51 10.63 -16.42
C GLY A 354 -13.75 9.26 -17.01
N ASP A 355 -13.17 8.20 -16.45
CA ASP A 355 -13.27 6.87 -17.07
C ASP A 355 -13.40 5.82 -15.97
N VAL A 356 -14.63 5.51 -15.58
CA VAL A 356 -14.84 4.47 -14.58
C VAL A 356 -15.62 3.34 -15.23
N LYS A 357 -15.38 2.15 -14.72
CA LYS A 357 -16.06 0.94 -15.18
C LYS A 357 -16.15 0.05 -13.95
N PRO A 358 -17.32 -0.07 -13.33
CA PRO A 358 -17.42 -0.80 -12.05
C PRO A 358 -16.90 -2.22 -12.16
N GLY A 359 -16.11 -2.63 -11.17
CA GLY A 359 -15.40 -3.88 -11.18
C GLY A 359 -13.98 -3.79 -11.69
N SER A 360 -13.65 -2.75 -12.45
CA SER A 360 -12.33 -2.58 -13.01
C SER A 360 -11.48 -1.72 -12.09
N THR A 361 -10.22 -2.12 -11.90
CA THR A 361 -9.30 -1.30 -11.14
C THR A 361 -8.62 -0.24 -12.01
N GLY A 362 -9.06 -0.04 -13.25
CA GLY A 362 -8.65 1.11 -14.05
C GLY A 362 -7.88 0.70 -15.30
N LYS A 363 -7.02 1.62 -15.75
CA LYS A 363 -6.23 1.44 -16.96
C LYS A 363 -4.74 1.56 -16.66
N VAL A 364 -3.92 1.04 -17.58
CA VAL A 364 -2.46 1.08 -17.40
C VAL A 364 -1.98 2.52 -17.32
N VAL A 365 -1.10 2.79 -16.35
CA VAL A 365 -0.59 4.14 -16.09
C VAL A 365 0.45 4.56 -17.13
N PRO A 366 0.73 5.86 -17.25
CA PRO A 366 1.83 6.29 -18.13
C PRO A 366 3.14 5.63 -17.73
N PHE A 367 4.00 5.43 -18.74
CA PHE A 367 5.30 4.78 -18.63
C PHE A 367 5.21 3.28 -18.41
N PHE A 368 4.05 2.66 -18.62
CA PHE A 368 3.89 1.23 -18.43
C PHE A 368 3.22 0.58 -19.63
N SER A 369 3.46 -0.71 -19.78
CA SER A 369 2.63 -1.56 -20.64
C SER A 369 2.29 -2.83 -19.87
N ALA A 370 1.26 -3.53 -20.34
CA ALA A 370 0.77 -4.72 -19.66
C ALA A 370 0.36 -5.74 -20.68
N LYS A 371 0.45 -7.02 -20.30
CA LYS A 371 -0.11 -8.08 -21.11
C LYS A 371 -0.71 -9.15 -20.20
N VAL A 372 -1.57 -9.96 -20.82
CA VAL A 372 -2.21 -11.10 -20.19
C VAL A 372 -1.73 -12.35 -20.91
N VAL A 373 -1.12 -13.24 -20.14
CA VAL A 373 -0.51 -14.45 -20.67
C VAL A 373 -1.22 -15.72 -20.31
N ASP A 374 -1.30 -16.58 -21.28
CA ASP A 374 -1.99 -17.86 -21.06
C ASP A 374 -1.23 -18.68 -20.02
N LEU A 375 -1.95 -19.20 -19.01
CA LEU A 375 -1.30 -19.98 -17.94
C LEU A 375 -0.66 -21.25 -18.46
N ASP A 376 -1.21 -21.81 -19.54
CA ASP A 376 -0.70 -23.06 -20.11
C ASP A 376 0.42 -22.79 -21.11
N THR A 377 0.14 -21.97 -22.14
CA THR A 377 1.10 -21.78 -23.23
C THR A 377 2.09 -20.65 -22.93
N GLY A 378 1.64 -19.60 -22.24
CA GLY A 378 2.40 -18.37 -22.12
C GLY A 378 2.22 -17.41 -23.28
N LYS A 379 1.34 -17.73 -24.23
CA LYS A 379 1.05 -16.80 -25.31
C LYS A 379 0.25 -15.61 -24.80
N THR A 380 0.40 -14.48 -25.50
CA THR A 380 -0.31 -13.26 -25.13
C THR A 380 -1.78 -13.36 -25.54
N LEU A 381 -2.67 -12.94 -24.65
CA LEU A 381 -4.11 -13.08 -24.84
C LEU A 381 -4.75 -11.75 -25.20
N GLY A 382 -5.88 -11.83 -25.89
CA GLY A 382 -6.66 -10.67 -26.25
C GLY A 382 -7.64 -10.27 -25.16
N PRO A 383 -8.54 -9.34 -25.47
CA PRO A 383 -9.49 -8.85 -24.47
C PRO A 383 -10.42 -9.95 -23.97
N ASN A 384 -10.82 -9.83 -22.71
CA ASN A 384 -11.82 -10.69 -22.10
C ASN A 384 -11.39 -12.15 -22.05
N GLN A 385 -10.08 -12.37 -21.96
CA GLN A 385 -9.49 -13.69 -21.82
C GLN A 385 -8.61 -13.67 -20.59
N ARG A 386 -8.86 -14.59 -19.66
N ARG A 386 -8.86 -14.59 -19.66
CA ARG A 386 -8.18 -14.60 -18.39
CA ARG A 386 -8.17 -14.57 -18.38
C ARG A 386 -6.80 -15.25 -18.47
C ARG A 386 -6.81 -15.24 -18.47
N GLY A 387 -5.83 -14.63 -17.83
CA GLY A 387 -4.50 -15.18 -17.74
C GLY A 387 -3.73 -14.42 -16.68
N GLU A 388 -2.42 -14.64 -16.64
CA GLU A 388 -1.55 -13.99 -15.67
C GLU A 388 -1.20 -12.58 -16.16
N LEU A 389 -1.33 -11.61 -15.26
CA LEU A 389 -1.02 -10.22 -15.60
C LEU A 389 0.48 -9.98 -15.50
N CYS A 390 1.07 -9.43 -16.57
CA CYS A 390 2.48 -9.13 -16.62
C CYS A 390 2.68 -7.67 -17.00
N PHE A 391 3.77 -7.07 -16.52
CA PHE A 391 3.95 -5.63 -16.64
C PHE A 391 5.39 -5.27 -16.96
N LYS A 392 5.54 -4.15 -17.67
CA LYS A 392 6.84 -3.60 -18.06
C LYS A 392 6.75 -2.09 -17.97
N GLY A 393 7.71 -1.45 -17.31
CA GLY A 393 7.63 0.00 -17.21
C GLY A 393 8.61 0.56 -16.20
N ASP A 394 8.56 1.89 -16.05
CA ASP A 394 9.66 2.60 -15.40
C ASP A 394 9.56 2.62 -13.87
N MET A 395 8.56 1.95 -13.27
CA MET A 395 8.54 1.73 -11.83
C MET A 395 8.87 0.29 -11.45
N ILE A 396 9.18 -0.58 -12.42
CA ILE A 396 9.61 -1.93 -12.05
C ILE A 396 10.90 -1.84 -11.26
N MET A 397 10.97 -2.63 -10.18
CA MET A 397 12.09 -2.62 -9.26
C MET A 397 13.42 -2.88 -9.96
N LYS A 398 14.49 -2.37 -9.33
CA LYS A 398 15.84 -2.73 -9.75
C LYS A 398 16.10 -4.22 -9.55
N GLY A 399 15.41 -4.82 -8.58
CA GLY A 399 15.60 -6.22 -8.27
C GLY A 399 15.57 -6.45 -6.78
N TYR A 400 15.71 -7.72 -6.38
CA TYR A 400 15.77 -8.09 -4.98
C TYR A 400 17.21 -7.93 -4.46
N VAL A 401 17.34 -7.41 -3.24
CA VAL A 401 18.67 -7.20 -2.64
C VAL A 401 19.43 -8.51 -2.59
N ASN A 402 20.59 -8.54 -3.25
CA ASN A 402 21.54 -9.66 -3.16
C ASN A 402 20.87 -11.00 -3.46
N ASN A 403 19.91 -10.98 -4.39
CA ASN A 403 19.18 -12.19 -4.78
C ASN A 403 18.84 -12.12 -6.26
N PRO A 404 19.85 -12.22 -7.12
CA PRO A 404 19.57 -12.18 -8.57
C PRO A 404 18.76 -13.38 -9.04
N GLU A 405 18.86 -14.52 -8.35
CA GLU A 405 18.07 -15.68 -8.75
C GLU A 405 16.59 -15.41 -8.58
N ALA A 406 16.19 -14.86 -7.43
CA ALA A 406 14.78 -14.54 -7.21
C ALA A 406 14.31 -13.47 -8.18
N THR A 407 15.18 -12.50 -8.48
CA THR A 407 14.82 -11.46 -9.43
C THR A 407 14.49 -12.05 -10.79
N LYS A 408 15.32 -12.98 -11.28
CA LYS A 408 15.10 -13.58 -12.58
C LYS A 408 13.86 -14.45 -12.62
N GLU A 409 13.40 -14.97 -11.49
CA GLU A 409 12.19 -15.80 -11.48
C GLU A 409 10.92 -14.97 -11.62
N ILE A 410 10.95 -13.68 -11.31
CA ILE A 410 9.74 -12.86 -11.40
C ILE A 410 9.81 -11.91 -12.61
N ILE A 411 11.02 -11.54 -13.05
CA ILE A 411 11.19 -10.73 -14.26
C ILE A 411 11.84 -11.63 -15.30
N ASP A 412 11.11 -11.92 -16.37
CA ASP A 412 11.55 -12.93 -17.33
C ASP A 412 12.62 -12.37 -18.26
N LYS A 413 13.16 -13.24 -19.12
CA LYS A 413 14.25 -12.85 -20.01
C LYS A 413 13.84 -11.79 -21.03
N ASP A 414 12.53 -11.64 -21.30
CA ASP A 414 12.07 -10.58 -22.17
C ASP A 414 11.81 -9.27 -21.43
N GLY A 415 11.97 -9.26 -20.11
CA GLY A 415 11.82 -8.04 -19.33
C GLY A 415 10.46 -7.85 -18.67
N TRP A 416 9.58 -8.83 -18.73
CA TRP A 416 8.23 -8.70 -18.20
C TRP A 416 8.18 -9.19 -16.76
N LEU A 417 7.60 -8.39 -15.87
CA LEU A 417 7.35 -8.87 -14.51
C LEU A 417 6.07 -9.68 -14.48
N HIS A 418 6.15 -10.89 -13.92
CA HIS A 418 4.98 -11.76 -13.78
C HIS A 418 4.36 -11.56 -12.40
N SER A 419 3.12 -11.05 -12.36
CA SER A 419 2.54 -10.60 -11.11
C SER A 419 2.06 -11.73 -10.21
N GLY A 420 1.77 -12.91 -10.76
CA GLY A 420 1.13 -13.96 -9.99
C GLY A 420 -0.37 -13.80 -9.85
N ASP A 421 -0.94 -12.78 -10.49
CA ASP A 421 -2.36 -12.49 -10.43
C ASP A 421 -3.02 -12.89 -11.74
N ILE A 422 -4.25 -13.40 -11.64
CA ILE A 422 -5.10 -13.69 -12.79
C ILE A 422 -6.02 -12.50 -13.03
N GLY A 423 -6.14 -12.09 -14.28
CA GLY A 423 -7.01 -10.99 -14.63
C GLY A 423 -7.29 -10.98 -16.12
N TYR A 424 -7.97 -9.93 -16.57
CA TYR A 424 -8.26 -9.73 -17.98
C TYR A 424 -8.51 -8.24 -18.20
N TYR A 425 -8.55 -7.84 -19.47
CA TYR A 425 -8.92 -6.48 -19.82
C TYR A 425 -10.03 -6.51 -20.87
N ASP A 426 -10.88 -5.48 -20.86
CA ASP A 426 -12.01 -5.46 -21.78
C ASP A 426 -11.62 -4.73 -23.08
N GLU A 427 -12.60 -4.58 -23.97
CA GLU A 427 -12.31 -4.01 -25.29
C GLU A 427 -11.84 -2.56 -25.22
N ASP A 428 -12.06 -1.87 -24.10
CA ASP A 428 -11.63 -0.49 -23.95
C ASP A 428 -10.37 -0.34 -23.12
N GLY A 429 -9.77 -1.44 -22.68
CA GLY A 429 -8.54 -1.39 -21.91
C GLY A 429 -8.71 -1.34 -20.41
N HIS A 430 -9.94 -1.46 -19.89
CA HIS A 430 -10.13 -1.55 -18.45
C HIS A 430 -9.70 -2.93 -17.95
N PHE A 431 -8.91 -2.96 -16.88
CA PHE A 431 -8.43 -4.23 -16.34
C PHE A 431 -9.27 -4.67 -15.14
N PHE A 432 -9.43 -5.99 -15.02
CA PHE A 432 -10.22 -6.62 -13.96
C PHE A 432 -9.35 -7.66 -13.28
N ILE A 433 -9.21 -7.57 -11.96
CA ILE A 433 -8.40 -8.54 -11.22
C ILE A 433 -9.31 -9.65 -10.72
N VAL A 434 -8.98 -10.89 -11.05
CA VAL A 434 -9.79 -12.04 -10.64
C VAL A 434 -9.39 -12.51 -9.24
N ASP A 435 -8.11 -12.79 -9.04
CA ASP A 435 -7.54 -13.25 -7.78
C ASP A 435 -6.06 -13.50 -7.98
N ARG A 436 -5.33 -13.66 -6.88
CA ARG A 436 -3.98 -14.22 -6.93
C ARG A 436 -4.07 -15.69 -7.36
N LEU A 437 -3.17 -16.10 -8.24
CA LEU A 437 -3.18 -17.47 -8.73
C LEU A 437 -3.11 -18.49 -7.60
N LYS A 438 -2.29 -18.22 -6.58
CA LYS A 438 -2.13 -19.17 -5.48
C LYS A 438 -3.37 -19.25 -4.60
N SER A 439 -4.28 -18.28 -4.68
CA SER A 439 -5.51 -18.31 -3.91
C SER A 439 -6.59 -19.18 -4.53
N LEU A 440 -6.45 -19.57 -5.81
CA LEU A 440 -7.49 -20.33 -6.47
C LEU A 440 -7.72 -21.64 -5.74
N ILE A 441 -8.98 -22.03 -5.63
CA ILE A 441 -9.37 -23.24 -4.91
C ILE A 441 -9.37 -24.41 -5.88
N LYS A 442 -8.74 -25.52 -5.48
CA LYS A 442 -8.57 -26.67 -6.36
C LYS A 442 -9.63 -27.70 -6.00
N TYR A 443 -10.83 -27.51 -6.54
CA TYR A 443 -11.93 -28.44 -6.37
C TYR A 443 -11.91 -29.38 -7.57
N LYS A 444 -11.49 -30.63 -7.33
CA LYS A 444 -11.30 -31.59 -8.40
C LYS A 444 -10.39 -30.98 -9.46
N GLY A 445 -10.81 -30.97 -10.72
CA GLY A 445 -10.05 -30.34 -11.78
C GLY A 445 -10.39 -28.89 -12.05
N TYR A 446 -11.23 -28.26 -11.22
CA TYR A 446 -11.63 -26.87 -11.36
C TYR A 446 -10.73 -25.96 -10.55
N GLN A 447 -10.71 -24.68 -10.93
CA GLN A 447 -10.02 -23.65 -10.17
C GLN A 447 -11.04 -22.56 -9.89
N VAL A 448 -11.47 -22.43 -8.65
CA VAL A 448 -12.50 -21.49 -8.23
C VAL A 448 -11.86 -20.28 -7.55
N ALA A 449 -12.31 -19.06 -7.88
CA ALA A 449 -11.67 -17.85 -7.38
C ALA A 449 -12.37 -17.41 -6.10
N PRO A 450 -11.67 -17.33 -4.96
CA PRO A 450 -12.34 -16.85 -3.74
C PRO A 450 -13.00 -15.49 -3.92
N ALA A 451 -12.37 -14.57 -4.66
CA ALA A 451 -12.94 -13.23 -4.78
C ALA A 451 -14.29 -13.25 -5.47
N GLU A 452 -14.51 -14.22 -6.37
CA GLU A 452 -15.81 -14.32 -7.01
C GLU A 452 -16.89 -14.70 -6.00
N LEU A 453 -16.57 -15.64 -5.11
CA LEU A 453 -17.54 -16.06 -4.08
C LEU A 453 -17.67 -15.00 -3.00
N GLU A 454 -16.55 -14.36 -2.63
CA GLU A 454 -16.61 -13.27 -1.66
C GLU A 454 -17.49 -12.14 -2.17
N SER A 455 -17.43 -11.84 -3.47
CA SER A 455 -18.27 -10.75 -4.00
C SER A 455 -19.75 -11.09 -3.88
N ILE A 456 -20.12 -12.34 -4.17
CA ILE A 456 -21.53 -12.74 -4.03
C ILE A 456 -21.95 -12.65 -2.57
N LEU A 457 -21.13 -13.16 -1.66
CA LEU A 457 -21.45 -13.08 -0.24
C LEU A 457 -21.67 -11.63 0.20
N LEU A 458 -20.85 -10.70 -0.27
CA LEU A 458 -20.98 -9.30 0.10
C LEU A 458 -22.18 -8.61 -0.55
N GLN A 459 -22.84 -9.24 -1.52
CA GLN A 459 -24.10 -8.72 -2.02
C GLN A 459 -25.23 -8.89 -1.00
N HIS A 460 -25.06 -9.80 -0.05
CA HIS A 460 -26.11 -10.04 0.92
C HIS A 460 -26.18 -8.88 1.91
N PRO A 461 -27.36 -8.32 2.17
CA PRO A 461 -27.42 -7.13 3.03
C PRO A 461 -27.04 -7.39 4.49
N SER A 462 -27.04 -8.64 4.95
CA SER A 462 -26.64 -8.95 6.32
C SER A 462 -25.17 -9.31 6.47
N ILE A 463 -24.41 -9.37 5.38
CA ILE A 463 -23.02 -9.79 5.41
C ILE A 463 -22.14 -8.56 5.24
N ILE A 464 -21.24 -8.31 6.18
CA ILE A 464 -20.38 -7.13 6.10
C ILE A 464 -18.93 -7.47 5.76
N ASP A 465 -18.50 -8.72 5.90
CA ASP A 465 -17.18 -9.12 5.42
C ASP A 465 -17.20 -10.62 5.17
N ALA A 466 -16.28 -11.08 4.33
CA ALA A 466 -16.24 -12.48 3.93
C ALA A 466 -14.81 -12.86 3.54
N GLY A 467 -14.49 -14.12 3.78
CA GLY A 467 -13.25 -14.71 3.27
C GLY A 467 -13.45 -16.16 2.91
N VAL A 468 -13.05 -16.54 1.70
CA VAL A 468 -13.30 -17.86 1.15
C VAL A 468 -11.97 -18.56 0.87
N THR A 469 -11.93 -19.86 1.11
CA THR A 469 -10.76 -20.67 0.74
C THR A 469 -11.23 -22.10 0.57
N GLY A 470 -10.29 -23.00 0.24
CA GLY A 470 -10.58 -24.42 0.12
C GLY A 470 -10.16 -25.15 1.38
N ILE A 471 -11.04 -26.03 1.86
CA ILE A 471 -10.66 -26.90 2.98
C ILE A 471 -10.26 -28.26 2.43
N PRO A 472 -9.33 -28.97 3.07
CA PRO A 472 -8.88 -30.24 2.52
C PRO A 472 -10.00 -31.26 2.44
N ASP A 473 -9.97 -32.07 1.37
CA ASP A 473 -10.96 -33.12 1.18
C ASP A 473 -10.32 -34.33 0.53
N GLU A 474 -10.60 -35.52 1.08
CA GLU A 474 -10.07 -36.77 0.53
C GLU A 474 -10.36 -36.90 -0.96
N ASP A 475 -11.63 -36.81 -1.32
CA ASP A 475 -12.04 -37.10 -2.69
C ASP A 475 -11.75 -35.93 -3.63
N ALA A 476 -12.22 -34.73 -3.29
CA ALA A 476 -12.19 -33.61 -4.21
C ALA A 476 -10.91 -32.78 -4.14
N GLY A 477 -10.01 -33.07 -3.21
CA GLY A 477 -8.85 -32.23 -3.01
C GLY A 477 -9.14 -31.07 -2.06
N GLU A 478 -9.95 -30.11 -2.53
CA GLU A 478 -10.34 -28.95 -1.73
C GLU A 478 -11.82 -28.65 -1.95
N LEU A 479 -12.53 -28.32 -0.87
CA LEU A 479 -13.91 -27.84 -0.98
C LEU A 479 -13.98 -26.35 -0.69
N PRO A 480 -14.60 -25.54 -1.55
CA PRO A 480 -14.79 -24.12 -1.22
C PRO A 480 -15.62 -23.96 0.04
N ALA A 481 -15.18 -23.05 0.91
CA ALA A 481 -15.80 -22.82 2.21
C ALA A 481 -15.65 -21.34 2.54
N ALA A 482 -16.55 -20.81 3.36
CA ALA A 482 -16.54 -19.37 3.64
C ALA A 482 -16.61 -19.06 5.14
N CYS A 483 -15.82 -18.07 5.55
CA CYS A 483 -16.03 -17.36 6.81
C CYS A 483 -16.79 -16.09 6.49
N VAL A 484 -17.80 -15.80 7.30
CA VAL A 484 -18.73 -14.69 7.10
C VAL A 484 -18.85 -13.87 8.37
N VAL A 485 -18.78 -12.54 8.25
CA VAL A 485 -19.06 -11.63 9.36
C VAL A 485 -20.43 -11.02 9.14
N LEU A 486 -21.30 -11.16 10.13
CA LEU A 486 -22.65 -10.64 10.03
C LEU A 486 -22.73 -9.21 10.55
N GLN A 487 -23.60 -8.44 9.93
N GLN A 487 -23.59 -8.43 9.92
CA GLN A 487 -23.90 -7.12 10.46
CA GLN A 487 -23.99 -7.14 10.45
C GLN A 487 -24.51 -7.28 11.85
C GLN A 487 -24.52 -7.31 11.87
N PRO A 488 -24.06 -6.52 12.84
CA PRO A 488 -24.64 -6.61 14.18
C PRO A 488 -26.15 -6.42 14.16
N GLY A 489 -26.85 -7.31 14.85
CA GLY A 489 -28.30 -7.29 14.84
C GLY A 489 -28.94 -8.14 13.76
N LYS A 490 -28.17 -8.64 12.80
CA LYS A 490 -28.70 -9.47 11.74
C LYS A 490 -28.33 -10.94 11.98
N HIS A 491 -29.08 -11.82 11.34
CA HIS A 491 -28.92 -13.25 11.57
C HIS A 491 -29.04 -14.00 10.25
N LEU A 492 -28.16 -14.98 10.06
CA LEU A 492 -28.21 -15.90 8.93
C LEU A 492 -27.76 -17.27 9.39
N THR A 493 -28.36 -18.29 8.82
CA THR A 493 -27.88 -19.64 9.07
C THR A 493 -26.88 -20.05 7.98
N GLU A 494 -26.09 -21.09 8.27
CA GLU A 494 -25.22 -21.66 7.26
C GLU A 494 -26.00 -22.03 5.99
N LYS A 495 -27.14 -22.68 6.17
CA LYS A 495 -27.93 -23.11 5.01
C LYS A 495 -28.36 -21.92 4.15
N GLU A 496 -28.81 -20.84 4.78
CA GLU A 496 -29.18 -19.64 4.02
C GLU A 496 -28.03 -19.13 3.17
N VAL A 497 -26.82 -19.08 3.75
CA VAL A 497 -25.67 -18.58 3.01
C VAL A 497 -25.33 -19.51 1.85
N ILE A 498 -25.31 -20.82 2.12
CA ILE A 498 -24.97 -21.79 1.08
C ILE A 498 -25.96 -21.71 -0.08
N ASP A 499 -27.26 -21.63 0.23
CA ASP A 499 -28.27 -21.57 -0.82
C ASP A 499 -28.21 -20.25 -1.58
N TYR A 500 -27.92 -19.16 -0.87
CA TYR A 500 -27.75 -17.87 -1.55
C TYR A 500 -26.68 -17.96 -2.62
N VAL A 501 -25.53 -18.55 -2.29
CA VAL A 501 -24.45 -18.67 -3.25
C VAL A 501 -24.83 -19.65 -4.36
N ALA A 502 -25.47 -20.76 -4.00
CA ALA A 502 -25.78 -21.80 -4.99
C ALA A 502 -26.72 -21.27 -6.06
N SER A 503 -27.62 -20.36 -5.71
N SER A 503 -27.62 -20.35 -5.71
CA SER A 503 -28.54 -19.82 -6.70
CA SER A 503 -28.54 -19.77 -6.68
C SER A 503 -27.85 -18.97 -7.76
C SER A 503 -27.80 -19.05 -7.80
N GLN A 504 -26.58 -18.57 -7.54
CA GLN A 504 -25.91 -17.67 -8.47
C GLN A 504 -24.69 -18.26 -9.16
N VAL A 505 -24.17 -19.43 -8.74
CA VAL A 505 -22.92 -19.94 -9.27
C VAL A 505 -23.13 -21.32 -9.89
N SER A 506 -22.19 -21.66 -10.78
CA SER A 506 -22.14 -23.01 -11.34
C SER A 506 -21.80 -24.03 -10.25
N SER A 507 -22.07 -25.29 -10.56
CA SER A 507 -21.99 -26.35 -9.56
C SER A 507 -20.61 -26.41 -8.89
N ALA A 508 -19.55 -26.22 -9.67
CA ALA A 508 -18.20 -26.38 -9.11
C ALA A 508 -17.86 -25.33 -8.07
N LYS A 509 -18.52 -24.18 -8.09
CA LYS A 509 -18.21 -23.08 -7.20
C LYS A 509 -19.02 -23.09 -5.90
N ARG A 510 -19.87 -24.11 -5.72
CA ARG A 510 -20.70 -24.16 -4.52
C ARG A 510 -19.83 -24.30 -3.27
N LEU A 511 -20.35 -23.77 -2.16
CA LEU A 511 -19.68 -23.80 -0.86
C LEU A 511 -19.89 -25.17 -0.20
N ARG A 512 -19.32 -26.19 -0.82
CA ARG A 512 -19.42 -27.56 -0.33
C ARG A 512 -18.70 -27.75 0.99
N GLY A 513 -17.73 -26.90 1.31
CA GLY A 513 -17.03 -26.92 2.58
C GLY A 513 -17.73 -26.25 3.73
N GLY A 514 -18.87 -25.59 3.50
CA GLY A 514 -19.66 -25.01 4.57
C GLY A 514 -19.31 -23.57 4.85
N VAL A 515 -19.97 -23.04 5.87
CA VAL A 515 -19.86 -21.63 6.27
C VAL A 515 -19.68 -21.56 7.77
N ARG A 516 -18.75 -20.70 8.21
CA ARG A 516 -18.59 -20.39 9.63
C ARG A 516 -18.78 -18.89 9.82
N PHE A 517 -19.44 -18.51 10.90
CA PHE A 517 -19.70 -17.11 11.23
C PHE A 517 -18.70 -16.66 12.27
N VAL A 518 -18.02 -15.55 11.98
CA VAL A 518 -16.89 -15.09 12.78
C VAL A 518 -17.04 -13.60 13.03
N ASP A 519 -16.27 -13.11 14.01
CA ASP A 519 -16.37 -11.69 14.36
C ASP A 519 -15.52 -10.82 13.47
N GLU A 520 -14.53 -11.40 12.77
CA GLU A 520 -13.67 -10.65 11.87
C GLU A 520 -12.98 -11.63 10.94
N ILE A 521 -12.76 -11.19 9.70
CA ILE A 521 -12.00 -11.98 8.73
C ILE A 521 -10.52 -11.74 8.98
N PRO A 522 -9.70 -12.78 9.09
CA PRO A 522 -8.26 -12.58 9.22
C PRO A 522 -7.65 -12.00 7.96
N LYS A 523 -7.21 -10.74 8.03
CA LYS A 523 -6.61 -10.06 6.90
C LYS A 523 -5.40 -9.26 7.38
N GLY A 524 -4.42 -9.10 6.48
CA GLY A 524 -3.28 -8.25 6.73
C GLY A 524 -3.59 -6.77 6.59
N SER A 525 -2.57 -5.94 6.85
CA SER A 525 -2.75 -4.51 6.92
C SER A 525 -2.93 -3.83 5.56
N THR A 526 -2.70 -4.54 4.45
CA THR A 526 -3.04 -4.02 3.12
C THR A 526 -4.20 -4.79 2.48
N GLY A 527 -4.97 -5.55 3.27
CA GLY A 527 -6.18 -6.20 2.80
C GLY A 527 -6.02 -7.63 2.36
N LYS A 528 -4.82 -8.20 2.48
CA LYS A 528 -4.60 -9.55 2.03
C LYS A 528 -5.29 -10.53 2.97
N ILE A 529 -6.16 -11.36 2.43
CA ILE A 529 -6.88 -12.34 3.23
C ILE A 529 -5.93 -13.48 3.57
N ASP A 530 -5.88 -13.85 4.85
CA ASP A 530 -5.00 -14.92 5.32
C ASP A 530 -5.73 -16.24 5.11
N ARG A 531 -5.41 -16.93 4.00
CA ARG A 531 -6.12 -18.16 3.66
C ARG A 531 -5.82 -19.28 4.67
N LYS A 532 -4.59 -19.31 5.20
CA LYS A 532 -4.28 -20.33 6.19
C LYS A 532 -5.08 -20.13 7.48
N ALA A 533 -5.21 -18.88 7.92
CA ALA A 533 -6.04 -18.60 9.09
C ALA A 533 -7.50 -18.97 8.82
N LEU A 534 -8.00 -18.71 7.60
CA LEU A 534 -9.34 -19.15 7.25
C LEU A 534 -9.49 -20.66 7.39
N ARG A 535 -8.54 -21.43 6.83
CA ARG A 535 -8.64 -22.88 6.89
C ARG A 535 -8.66 -23.37 8.34
N GLN A 536 -7.86 -22.74 9.21
CA GLN A 536 -7.84 -23.16 10.60
C GLN A 536 -9.20 -22.95 11.26
N ILE A 537 -9.85 -21.82 11.00
CA ILE A 537 -11.21 -21.60 11.50
C ILE A 537 -12.16 -22.64 10.90
N LEU A 538 -12.06 -22.87 9.59
CA LEU A 538 -13.01 -23.70 8.87
C LEU A 538 -12.79 -25.18 9.11
N GLN A 539 -11.74 -25.55 9.86
CA GLN A 539 -11.49 -26.92 10.30
C GLN A 539 -11.99 -27.18 11.71
N LYS A 540 -11.65 -26.31 12.65
CA LYS A 540 -12.05 -26.38 14.07
C LYS A 540 -13.47 -26.91 14.31
#